data_2CZ0
#
_entry.id   2CZ0
#
_cell.length_a   114.016
_cell.length_b   60.182
_cell.length_c   81.573
_cell.angle_alpha   90.00
_cell.angle_beta   125.15
_cell.angle_gamma   90.00
#
_symmetry.space_group_name_H-M   'C 1 2 1'
#
loop_
_entity.id
_entity.type
_entity.pdbx_description
1 polymer 'Nitrile hydratase subunit alpha'
2 polymer 'Nitrile hydratase subunit beta'
3 non-polymer 'FE (III) ION'
4 non-polymer 'butanoic acid'
5 water water
#
loop_
_entity_poly.entity_id
_entity_poly.type
_entity_poly.pdbx_seq_one_letter_code
_entity_poly.pdbx_strand_id
1 'polypeptide(L)'
;SVTIDHTTENAAPAQAPVSDRAWALFRALDGKGLVPDGYVEGWKKTFEEDFSPRRGAELVARAWTDPEFRQLLLTDGTAA
VAQYGYLGPQGEYIVAVEDTPTLKNVIVCSL(CSD)S(CSD)TAWPILGLPPTWYKSFEYRARVVREPRKVLSEMGTEIA
SDIEIRVYDTTAETRYMVLPQRPAGTEGWSQEQLQEIVTKDCLIGVAIPQVPTV
;
A
2 'polypeptide(L)'
;MDGVHDLAGVQGFGKVPHTVNADIGPTFHAEWEHLPYSLMFAGVAELGAFSVDEVRYVVERMEPRHYMMTPYYERYVIGV
ATLMVEKGILTQDELESLAGGPFPLSRPSESEGRPAPVETTTFEVGQRVRVRDEYVPGHIRMPAYCRGRVGTISHRTTEK
WPFPDAIGHGRNDAGEEPTYHVKFAAEELFGSDTDGGSVVVDLFEGYLEPAA
;
B
#
loop_
_chem_comp.id
_chem_comp.type
_chem_comp.name
_chem_comp.formula
BUA non-polymer 'butanoic acid' 'C4 H8 O2'
FE non-polymer 'FE (III) ION' 'Fe 3'
#
# COMPACT_ATOMS: atom_id res chain seq x y z
N GLU A 9 6.78 -31.12 11.55
CA GLU A 9 6.78 -30.47 10.26
C GLU A 9 6.67 -28.95 10.40
N ASN A 10 5.63 -28.40 9.79
CA ASN A 10 5.47 -26.97 9.62
C ASN A 10 6.62 -26.35 8.85
N ALA A 11 7.28 -27.19 8.06
CA ALA A 11 8.39 -26.81 7.19
C ALA A 11 7.86 -26.20 5.90
N ALA A 12 8.76 -25.50 5.21
CA ALA A 12 8.37 -24.89 3.95
C ALA A 12 8.08 -25.95 2.90
N PRO A 13 7.20 -25.62 1.95
CA PRO A 13 6.96 -26.53 0.82
C PRO A 13 8.22 -26.60 -0.04
N ALA A 14 8.56 -27.72 -0.66
CA ALA A 14 9.69 -27.71 -1.59
C ALA A 14 9.40 -26.76 -2.76
N GLN A 15 10.37 -25.97 -3.20
CA GLN A 15 10.08 -25.04 -4.30
C GLN A 15 11.33 -24.86 -5.17
N ALA A 16 11.11 -24.77 -6.48
CA ALA A 16 12.18 -24.40 -7.41
C ALA A 16 12.72 -23.03 -7.09
N PRO A 17 13.93 -22.67 -7.46
CA PRO A 17 14.43 -21.32 -7.16
C PRO A 17 13.47 -20.26 -7.67
N VAL A 18 13.30 -19.19 -6.88
CA VAL A 18 12.33 -18.17 -7.26
C VAL A 18 12.67 -17.56 -8.63
N SER A 19 13.95 -17.35 -8.96
CA SER A 19 14.21 -16.87 -10.32
C SER A 19 13.64 -17.79 -11.39
N ASP A 20 13.76 -19.11 -11.17
CA ASP A 20 13.24 -20.06 -12.16
C ASP A 20 11.72 -19.97 -12.25
N ARG A 21 11.06 -19.79 -11.10
CA ARG A 21 9.60 -19.65 -11.08
C ARG A 21 9.13 -18.36 -11.74
N ALA A 22 9.81 -17.24 -11.43
CA ALA A 22 9.38 -15.97 -12.04
C ALA A 22 9.54 -15.97 -13.57
N TRP A 23 10.67 -16.47 -14.05
CA TRP A 23 10.87 -16.51 -15.52
C TRP A 23 9.97 -17.57 -16.14
N ALA A 24 9.63 -18.61 -15.38
CA ALA A 24 8.74 -19.64 -15.93
C ALA A 24 7.39 -19.00 -16.17
N LEU A 25 6.96 -18.12 -15.23
CA LEU A 25 5.69 -17.45 -15.38
C LEU A 25 5.72 -16.52 -16.62
N PHE A 26 6.81 -15.79 -16.74
CA PHE A 26 6.99 -14.94 -17.92
C PHE A 26 6.94 -15.79 -19.18
N ARG A 27 7.75 -16.84 -19.24
CA ARG A 27 7.83 -17.61 -20.51
C ARG A 27 6.52 -18.29 -20.83
N ALA A 28 5.78 -18.74 -19.81
CA ALA A 28 4.53 -19.42 -20.06
C ALA A 28 3.53 -18.47 -20.72
N LEU A 29 3.46 -17.22 -20.25
CA LEU A 29 2.53 -16.23 -20.80
C LEU A 29 3.02 -15.64 -22.13
N ASP A 30 4.31 -15.30 -22.18
CA ASP A 30 4.92 -14.75 -23.39
C ASP A 30 4.81 -15.72 -24.56
N GLY A 31 4.97 -17.00 -24.27
CA GLY A 31 4.95 -17.99 -25.34
C GLY A 31 3.56 -18.29 -25.84
N LYS A 32 2.53 -17.67 -25.26
CA LYS A 32 1.16 -17.79 -25.67
C LYS A 32 0.72 -16.47 -26.31
N GLY A 33 1.73 -15.62 -26.47
CA GLY A 33 1.47 -14.33 -27.10
C GLY A 33 0.63 -13.39 -26.26
N LEU A 34 0.63 -13.57 -24.93
CA LEU A 34 -0.17 -12.76 -24.03
C LEU A 34 0.55 -11.55 -23.46
N VAL A 35 1.83 -11.42 -23.74
CA VAL A 35 2.61 -10.29 -23.26
C VAL A 35 3.13 -9.47 -24.45
N PRO A 36 2.62 -8.26 -24.65
CA PRO A 36 3.10 -7.44 -25.78
C PRO A 36 4.61 -7.31 -25.82
N ASP A 37 5.19 -7.18 -27.03
CA ASP A 37 6.61 -6.94 -27.18
C ASP A 37 7.06 -5.75 -26.36
N GLY A 38 8.17 -5.86 -25.65
CA GLY A 38 8.75 -4.83 -24.83
C GLY A 38 7.95 -4.47 -23.60
N TYR A 39 6.90 -5.22 -23.31
CA TYR A 39 5.99 -4.77 -22.24
C TYR A 39 6.64 -4.84 -20.87
N VAL A 40 7.26 -5.96 -20.49
CA VAL A 40 7.78 -5.95 -19.11
C VAL A 40 9.04 -5.09 -19.04
N GLU A 41 9.79 -5.03 -20.15
CA GLU A 41 10.97 -4.20 -20.22
C GLU A 41 10.62 -2.73 -20.06
N GLY A 42 9.54 -2.35 -20.76
CA GLY A 42 9.04 -0.98 -20.60
C GLY A 42 8.60 -0.65 -19.19
N TRP A 43 7.80 -1.51 -18.56
CA TRP A 43 7.44 -1.16 -17.18
C TRP A 43 8.61 -1.24 -16.23
N LYS A 44 9.56 -2.12 -16.47
CA LYS A 44 10.73 -2.12 -15.58
C LYS A 44 11.42 -0.75 -15.63
N LYS A 45 11.58 -0.17 -16.81
CA LYS A 45 12.22 1.15 -16.92
C LYS A 45 11.40 2.24 -16.24
N THR A 46 10.09 2.21 -16.46
CA THR A 46 9.23 3.16 -15.77
C THR A 46 9.36 3.01 -14.25
N PHE A 47 9.30 1.76 -13.78
CA PHE A 47 9.41 1.57 -12.34
C PHE A 47 10.75 2.08 -11.81
N GLU A 48 11.81 1.90 -12.59
CA GLU A 48 13.15 2.21 -12.16
C GLU A 48 13.50 3.68 -12.29
N GLU A 49 12.92 4.32 -13.30
CA GLU A 49 13.42 5.63 -13.66
C GLU A 49 12.43 6.75 -13.46
N ASP A 50 11.16 6.49 -13.75
CA ASP A 50 10.20 7.60 -13.75
C ASP A 50 9.49 7.68 -12.40
N PHE A 51 9.11 6.53 -11.86
CA PHE A 51 8.45 6.54 -10.53
C PHE A 51 9.51 6.84 -9.48
N SER A 52 9.50 8.03 -8.91
CA SER A 52 10.65 8.45 -8.12
C SER A 52 10.31 9.40 -6.99
N PRO A 53 10.92 9.29 -5.83
CA PRO A 53 10.65 10.24 -4.75
C PRO A 53 11.19 11.62 -5.10
N ARG A 54 12.00 11.74 -6.16
CA ARG A 54 12.42 13.10 -6.57
C ARG A 54 11.19 13.90 -7.01
N ARG A 55 10.17 13.24 -7.53
CA ARG A 55 8.92 13.91 -7.86
C ARG A 55 8.20 14.44 -6.65
N GLY A 56 7.97 13.63 -5.61
CA GLY A 56 7.29 14.18 -4.43
C GLY A 56 8.14 15.25 -3.79
N ALA A 57 9.48 15.14 -3.85
CA ALA A 57 10.31 16.23 -3.33
C ALA A 57 10.08 17.56 -4.05
N GLU A 58 9.89 17.49 -5.36
CA GLU A 58 9.61 18.66 -6.19
C GLU A 58 8.30 19.26 -5.73
N LEU A 59 7.32 18.40 -5.44
CA LEU A 59 6.02 18.85 -4.99
C LEU A 59 6.10 19.51 -3.63
N VAL A 60 6.92 18.95 -2.72
CA VAL A 60 7.06 19.56 -1.41
C VAL A 60 7.77 20.91 -1.48
N ALA A 61 8.83 20.98 -2.30
CA ALA A 61 9.58 22.24 -2.40
C ALA A 61 8.67 23.30 -2.99
N ARG A 62 7.82 22.92 -3.91
CA ARG A 62 6.91 23.92 -4.50
C ARG A 62 5.92 24.35 -3.43
N ALA A 63 5.38 23.40 -2.66
CA ALA A 63 4.41 23.80 -1.63
C ALA A 63 5.01 24.73 -0.59
N TRP A 64 6.24 24.42 -0.19
CA TRP A 64 6.98 25.23 0.74
C TRP A 64 7.18 26.66 0.27
N THR A 65 7.26 26.88 -1.05
CA THR A 65 7.64 28.22 -1.50
C THR A 65 6.48 28.93 -2.20
N ASP A 66 5.31 28.32 -2.29
CA ASP A 66 4.18 28.85 -3.04
C ASP A 66 2.87 28.58 -2.31
N PRO A 67 2.36 29.54 -1.53
CA PRO A 67 1.18 29.29 -0.70
C PRO A 67 -0.02 28.84 -1.50
N GLU A 68 -0.10 29.32 -2.74
CA GLU A 68 -1.26 28.92 -3.54
C GLU A 68 -1.13 27.45 -3.90
N PHE A 69 0.10 27.03 -4.19
CA PHE A 69 0.23 25.61 -4.55
C PHE A 69 -0.03 24.76 -3.30
N ARG A 70 0.49 25.25 -2.19
CA ARG A 70 0.34 24.51 -0.92
C ARG A 70 -1.14 24.28 -0.69
N GLN A 71 -1.95 25.35 -0.82
CA GLN A 71 -3.38 25.23 -0.63
C GLN A 71 -4.03 24.20 -1.55
N LEU A 72 -3.69 24.19 -2.84
CA LEU A 72 -4.21 23.22 -3.78
C LEU A 72 -3.79 21.78 -3.40
N LEU A 73 -2.50 21.59 -3.19
CA LEU A 73 -1.99 20.28 -2.79
C LEU A 73 -2.74 19.74 -1.58
N LEU A 74 -3.10 20.58 -0.60
CA LEU A 74 -3.73 20.07 0.63
C LEU A 74 -5.24 19.91 0.48
N THR A 75 -5.86 20.45 -0.55
CA THR A 75 -7.31 20.38 -0.72
C THR A 75 -7.70 19.52 -1.90
N ASP A 76 -6.83 19.51 -2.93
CA ASP A 76 -7.04 18.60 -4.06
C ASP A 76 -5.68 18.09 -4.55
N GLY A 77 -5.15 17.10 -3.85
CA GLY A 77 -3.83 16.60 -4.18
C GLY A 77 -3.73 16.06 -5.58
N THR A 78 -4.79 15.38 -6.01
CA THR A 78 -4.82 14.81 -7.34
C THR A 78 -4.57 15.90 -8.39
N ALA A 79 -5.30 17.00 -8.21
CA ALA A 79 -5.19 18.05 -9.24
C ALA A 79 -3.80 18.69 -9.22
N ALA A 80 -3.26 18.86 -8.02
CA ALA A 80 -1.95 19.41 -7.84
C ALA A 80 -0.91 18.52 -8.48
N VAL A 81 -0.99 17.21 -8.23
CA VAL A 81 -0.01 16.30 -8.82
C VAL A 81 -0.13 16.25 -10.34
N ALA A 82 -1.38 16.32 -10.81
CA ALA A 82 -1.58 16.24 -12.25
C ALA A 82 -0.98 17.48 -12.93
N GLN A 83 -0.85 18.60 -12.24
CA GLN A 83 -0.26 19.76 -12.95
C GLN A 83 1.17 19.46 -13.39
N TYR A 84 1.84 18.60 -12.64
CA TYR A 84 3.20 18.17 -12.89
C TYR A 84 3.27 16.97 -13.83
N GLY A 85 2.11 16.39 -14.08
CA GLY A 85 2.02 15.20 -14.90
C GLY A 85 2.41 13.92 -14.18
N TYR A 86 2.26 13.88 -12.84
CA TYR A 86 2.79 12.74 -12.10
C TYR A 86 1.71 11.78 -11.59
N LEU A 87 0.48 11.82 -12.06
CA LEU A 87 -0.48 10.77 -11.76
C LEU A 87 -0.07 9.47 -12.43
N GLY A 88 -0.40 8.31 -11.85
CA GLY A 88 -0.03 7.04 -12.50
C GLY A 88 -0.59 5.84 -11.75
N PRO A 89 -0.30 4.60 -12.16
CA PRO A 89 -0.73 3.43 -11.38
C PRO A 89 -0.29 3.59 -9.92
N GLN A 90 -1.17 3.18 -9.01
CA GLN A 90 -0.93 3.30 -7.58
C GLN A 90 -0.77 4.76 -7.23
N GLY A 91 -1.31 5.66 -8.04
CA GLY A 91 -1.21 7.07 -7.68
C GLY A 91 -2.22 7.88 -8.48
N GLU A 92 -3.47 7.46 -8.43
CA GLU A 92 -4.51 8.12 -9.22
C GLU A 92 -5.37 9.07 -8.43
N TYR A 93 -5.50 8.88 -7.13
CA TYR A 93 -6.24 9.69 -6.20
C TYR A 93 -5.28 10.02 -5.05
N ILE A 94 -4.80 11.26 -5.03
CA ILE A 94 -3.76 11.63 -4.09
C ILE A 94 -4.27 12.52 -2.98
N VAL A 95 -3.87 12.24 -1.73
CA VAL A 95 -4.08 13.13 -0.62
C VAL A 95 -2.74 13.42 0.05
N ALA A 96 -2.38 14.69 0.17
CA ALA A 96 -1.17 15.13 0.86
C ALA A 96 -1.54 15.45 2.29
N VAL A 97 -0.79 14.95 3.28
CA VAL A 97 -1.21 15.22 4.67
C VAL A 97 -0.14 16.08 5.32
N GLU A 98 -0.55 17.17 5.98
CA GLU A 98 0.39 18.21 6.39
C GLU A 98 0.88 18.06 7.82
N ASP A 99 2.20 18.01 8.00
CA ASP A 99 2.78 18.00 9.33
C ASP A 99 2.63 19.41 9.91
N THR A 100 2.55 19.50 11.21
CA THR A 100 2.44 20.82 11.88
C THR A 100 3.25 20.77 13.15
N PRO A 101 3.47 21.88 13.86
CA PRO A 101 4.22 21.77 15.12
C PRO A 101 3.58 20.83 16.14
N THR A 102 2.34 20.40 15.98
CA THR A 102 1.79 19.44 16.93
C THR A 102 1.32 18.16 16.26
N LEU A 103 1.67 17.94 15.00
CA LEU A 103 1.15 16.74 14.32
C LEU A 103 2.22 16.13 13.44
N LYS A 104 2.53 14.84 13.60
CA LYS A 104 3.44 14.18 12.65
C LYS A 104 2.67 13.06 11.97
N ASN A 105 2.65 13.08 10.65
CA ASN A 105 1.97 12.03 9.91
C ASN A 105 2.95 10.97 9.40
N VAL A 106 2.44 9.74 9.36
CA VAL A 106 3.21 8.58 8.86
C VAL A 106 2.29 7.68 8.06
N ILE A 107 2.77 7.10 6.96
CA ILE A 107 1.99 6.26 6.07
C ILE A 107 2.45 4.81 6.12
N VAL A 108 1.47 3.90 6.00
CA VAL A 108 1.75 2.47 5.90
C VAL A 108 0.69 1.80 5.06
N CYS A 109 0.92 0.58 4.60
CA CYS A 109 -0.11 -0.30 4.11
C CYS A 109 -0.02 -1.59 4.95
N SER A 110 -0.84 -1.62 5.99
CA SER A 110 -0.66 -2.77 6.90
C SER A 110 -1.02 -4.08 6.22
N LEU A 111 -1.90 -4.04 5.21
CA LEU A 111 -2.41 -5.23 4.56
C LEU A 111 -1.54 -5.71 3.41
N CSD A 112 -0.58 -4.91 2.93
CA CSD A 112 0.30 -5.31 1.83
CB CSD A 112 -0.50 -5.55 0.53
SG CSD A 112 -1.71 -4.27 0.11
C CSD A 112 1.43 -4.30 1.58
O CSD A 112 2.49 -4.52 2.17
OD1 CSD A 112 -2.88 -4.27 1.07
OD2 CSD A 112 -2.15 -4.71 -1.22
N SER A 113 1.19 -3.25 0.77
CA SER A 113 2.37 -2.44 0.48
C SER A 113 2.00 -1.11 -0.21
N CSD A 114 0.69 -0.92 -0.33
CA CSD A 114 0.23 0.28 -1.04
CB CSD A 114 -1.30 0.39 -0.80
SG CSD A 114 -1.95 -1.32 -1.11
C CSD A 114 0.93 1.59 -0.65
O CSD A 114 1.13 1.97 0.49
OD1 CSD A 114 -1.89 -1.44 -2.62
OD2 CSD A 114 -3.35 -1.25 -0.73
N THR A 115 1.32 2.25 -1.73
CA THR A 115 2.21 3.38 -1.78
C THR A 115 1.89 4.26 -3.01
N ALA A 116 2.09 5.55 -2.85
CA ALA A 116 1.91 6.39 -4.06
C ALA A 116 3.10 6.25 -4.99
N TRP A 117 3.16 5.21 -5.80
CA TRP A 117 4.29 4.83 -6.63
C TRP A 117 4.84 6.01 -7.46
N PRO A 118 4.03 6.71 -8.21
CA PRO A 118 4.65 7.67 -9.15
C PRO A 118 5.36 8.82 -8.48
N ILE A 119 5.04 9.18 -7.23
CA ILE A 119 5.68 10.32 -6.62
C ILE A 119 6.53 9.97 -5.41
N LEU A 120 6.39 8.75 -4.88
CA LEU A 120 7.29 8.30 -3.80
C LEU A 120 8.29 7.24 -4.25
N GLY A 121 8.07 6.68 -5.44
CA GLY A 121 8.73 5.50 -5.95
C GLY A 121 8.12 4.24 -5.37
N LEU A 122 8.46 3.09 -5.97
CA LEU A 122 8.02 1.80 -5.43
C LEU A 122 8.49 1.68 -3.96
N PRO A 123 7.68 1.04 -3.14
CA PRO A 123 8.04 0.99 -1.72
C PRO A 123 9.31 0.19 -1.51
N PRO A 124 10.09 0.58 -0.52
CA PRO A 124 11.31 -0.13 -0.17
C PRO A 124 10.99 -1.37 0.67
N THR A 125 11.94 -2.29 0.66
CA THR A 125 11.76 -3.57 1.34
C THR A 125 11.30 -3.37 2.77
N TRP A 126 11.86 -2.38 3.45
CA TRP A 126 11.49 -2.22 4.86
C TRP A 126 10.04 -1.83 5.08
N TYR A 127 9.48 -1.03 4.16
CA TYR A 127 8.08 -0.61 4.29
C TYR A 127 7.11 -1.77 4.08
N LYS A 128 7.52 -2.75 3.28
CA LYS A 128 6.74 -3.97 3.05
C LYS A 128 7.02 -5.03 4.12
N SER A 129 7.93 -4.77 5.07
CA SER A 129 8.29 -5.80 6.04
C SER A 129 7.14 -6.06 7.02
N PHE A 130 7.04 -7.30 7.52
CA PHE A 130 5.99 -7.53 8.49
C PHE A 130 6.22 -6.71 9.77
N GLU A 131 7.47 -6.40 10.09
CA GLU A 131 7.78 -5.56 11.24
C GLU A 131 7.09 -4.20 11.10
N TYR A 132 7.24 -3.54 9.93
CA TYR A 132 6.67 -2.20 9.82
C TYR A 132 5.15 -2.29 9.74
N ARG A 133 4.62 -3.25 8.99
CA ARG A 133 3.18 -3.43 8.82
C ARG A 133 2.46 -3.76 10.11
N ALA A 134 3.13 -4.56 10.96
CA ALA A 134 2.50 -4.88 12.24
C ALA A 134 2.61 -3.78 13.28
N ARG A 135 3.80 -3.16 13.30
CA ARG A 135 4.12 -2.30 14.46
C ARG A 135 3.79 -0.83 14.27
N VAL A 136 3.95 -0.24 13.08
CA VAL A 136 3.82 1.23 13.10
C VAL A 136 2.42 1.70 13.42
N VAL A 137 1.36 0.93 13.15
CA VAL A 137 0.01 1.32 13.49
C VAL A 137 -0.19 1.41 15.00
N ARG A 138 0.51 0.53 15.74
CA ARG A 138 0.26 0.44 17.18
C ARG A 138 1.26 1.23 18.01
N GLU A 139 2.51 1.26 17.58
CA GLU A 139 3.58 1.93 18.32
C GLU A 139 4.49 2.72 17.41
N PRO A 140 3.89 3.71 16.74
CA PRO A 140 4.65 4.49 15.77
C PRO A 140 5.74 5.33 16.44
N ARG A 141 5.53 5.80 17.68
CA ARG A 141 6.60 6.61 18.25
C ARG A 141 7.85 5.77 18.45
N LYS A 142 7.68 4.54 18.96
CA LYS A 142 8.84 3.64 19.15
C LYS A 142 9.47 3.25 17.83
N VAL A 143 8.60 2.96 16.85
CA VAL A 143 9.15 2.54 15.55
C VAL A 143 9.97 3.67 14.96
N LEU A 144 9.39 4.87 14.93
CA LEU A 144 10.19 5.96 14.37
C LEU A 144 11.49 6.15 15.15
N SER A 145 11.42 6.08 16.48
CA SER A 145 12.65 6.26 17.28
C SER A 145 13.71 5.26 16.91
N GLU A 146 13.26 4.00 16.73
CA GLU A 146 14.22 2.96 16.40
C GLU A 146 14.86 3.18 15.05
N MET A 147 14.07 3.80 14.17
CA MET A 147 14.49 4.12 12.82
C MET A 147 15.34 5.37 12.76
N GLY A 148 15.43 6.13 13.86
CA GLY A 148 16.36 7.26 13.82
C GLY A 148 15.65 8.60 13.95
N THR A 149 14.34 8.61 14.19
CA THR A 149 13.55 9.83 14.24
C THR A 149 12.82 9.99 15.55
N GLU A 150 13.29 10.97 16.33
CA GLU A 150 12.66 11.20 17.63
C GLU A 150 11.47 12.14 17.55
N ILE A 151 10.30 11.68 17.94
CA ILE A 151 9.13 12.54 17.98
C ILE A 151 8.70 12.83 19.43
N ALA A 152 8.99 14.05 19.86
CA ALA A 152 8.53 14.55 21.16
C ALA A 152 7.08 14.23 21.44
N SER A 153 6.77 13.82 22.67
CA SER A 153 5.41 13.53 23.12
C SER A 153 4.49 14.74 23.08
N ASP A 154 4.99 15.93 22.76
CA ASP A 154 4.12 17.10 22.61
C ASP A 154 3.58 17.16 21.19
N ILE A 155 3.82 16.05 20.48
CA ILE A 155 3.37 16.00 19.08
C ILE A 155 2.53 14.75 18.88
N GLU A 156 1.32 14.94 18.36
CA GLU A 156 0.46 13.80 18.02
C GLU A 156 1.05 13.06 16.82
N ILE A 157 1.16 11.75 16.87
CA ILE A 157 1.46 10.98 15.65
C ILE A 157 0.18 10.41 15.06
N ARG A 158 -0.03 10.61 13.76
CA ARG A 158 -1.19 10.11 13.08
C ARG A 158 -0.73 9.16 11.99
N VAL A 159 -1.14 7.90 12.10
CA VAL A 159 -0.75 6.92 11.06
C VAL A 159 -1.89 6.76 10.07
N TYR A 160 -1.57 6.87 8.77
CA TYR A 160 -2.57 6.64 7.76
C TYR A 160 -2.32 5.23 7.19
N ASP A 161 -3.33 4.38 7.37
CA ASP A 161 -3.23 3.03 6.81
C ASP A 161 -3.87 3.05 5.43
N THR A 162 -3.10 2.72 4.43
CA THR A 162 -3.53 2.77 3.02
C THR A 162 -4.32 1.51 2.69
N THR A 163 -5.59 1.54 3.00
CA THR A 163 -6.46 0.39 2.86
C THR A 163 -7.39 0.40 1.66
N ALA A 164 -7.47 1.53 0.93
CA ALA A 164 -8.35 1.53 -0.25
C ALA A 164 -7.59 2.17 -1.41
N GLU A 165 -8.25 3.14 -2.07
CA GLU A 165 -7.62 3.75 -3.25
C GLU A 165 -6.96 5.08 -2.98
N THR A 166 -7.18 5.77 -1.88
CA THR A 166 -6.40 6.98 -1.61
C THR A 166 -4.91 6.60 -1.51
N ARG A 167 -4.06 7.39 -2.10
CA ARG A 167 -2.61 7.22 -2.00
C ARG A 167 -2.03 8.50 -1.43
N TYR A 168 -1.19 8.33 -0.42
CA TYR A 168 -0.79 9.47 0.39
C TYR A 168 0.65 9.91 0.17
N MET A 169 0.90 11.19 0.44
CA MET A 169 2.25 11.75 0.61
C MET A 169 2.20 12.67 1.83
N VAL A 170 3.30 12.63 2.60
CA VAL A 170 3.39 13.57 3.70
C VAL A 170 4.03 14.87 3.21
N LEU A 171 3.41 15.97 3.61
CA LEU A 171 4.07 17.27 3.44
C LEU A 171 4.77 17.61 4.76
N PRO A 172 6.06 17.42 4.90
CA PRO A 172 6.71 17.65 6.19
C PRO A 172 6.84 19.14 6.47
N GLN A 173 7.13 19.49 7.71
CA GLN A 173 7.38 20.90 8.02
C GLN A 173 8.69 21.34 7.37
N ARG A 174 8.69 22.62 6.96
CA ARG A 174 9.93 23.19 6.44
C ARG A 174 10.89 23.51 7.57
N PRO A 175 12.10 22.94 7.58
CA PRO A 175 12.99 23.18 8.72
C PRO A 175 13.62 24.56 8.68
N ALA A 176 13.96 25.05 9.87
CA ALA A 176 14.61 26.35 9.93
C ALA A 176 16.01 26.21 9.35
N GLY A 177 16.55 27.33 8.86
CA GLY A 177 17.86 27.21 8.22
C GLY A 177 17.74 27.06 6.73
N THR A 178 16.52 27.06 6.21
CA THR A 178 16.34 26.96 4.76
C THR A 178 15.73 28.21 4.15
N GLU A 179 15.72 29.32 4.91
CA GLU A 179 15.02 30.46 4.34
C GLU A 179 15.68 31.02 3.08
N GLY A 180 14.88 31.26 2.06
CA GLY A 180 15.41 31.74 0.81
C GLY A 180 16.10 30.72 -0.07
N TRP A 181 16.11 29.44 0.31
CA TRP A 181 16.68 28.43 -0.57
C TRP A 181 15.87 28.31 -1.85
N SER A 182 16.55 27.87 -2.92
CA SER A 182 15.84 27.60 -4.15
C SER A 182 15.04 26.29 -4.05
N GLN A 183 14.08 26.15 -4.93
CA GLN A 183 13.35 24.91 -5.19
C GLN A 183 14.30 23.71 -5.17
N GLU A 184 15.35 23.86 -5.98
CA GLU A 184 16.35 22.83 -6.17
C GLU A 184 17.01 22.44 -4.88
N GLN A 185 17.37 23.44 -4.07
CA GLN A 185 18.06 23.21 -2.83
C GLN A 185 17.17 22.53 -1.77
N LEU A 186 15.92 23.00 -1.80
CA LEU A 186 14.91 22.42 -0.90
C LEU A 186 14.63 20.96 -1.27
N GLN A 187 14.57 20.67 -2.56
CA GLN A 187 14.19 19.36 -3.05
C GLN A 187 15.18 18.35 -2.50
N GLU A 188 16.43 18.78 -2.41
CA GLU A 188 17.54 17.90 -2.06
C GLU A 188 17.37 17.34 -0.67
N ILE A 189 16.66 18.09 0.20
CA ILE A 189 16.59 17.57 1.56
C ILE A 189 15.29 16.83 1.84
N VAL A 190 14.38 16.77 0.88
CA VAL A 190 13.13 16.03 1.05
C VAL A 190 13.35 14.62 0.48
N THR A 191 13.57 13.66 1.37
CA THR A 191 13.93 12.33 0.93
C THR A 191 12.68 11.45 0.83
N LYS A 192 12.88 10.26 0.26
CA LYS A 192 11.81 9.25 0.19
C LYS A 192 11.21 9.03 1.57
N ASP A 193 12.06 8.90 2.59
CA ASP A 193 11.63 8.67 3.97
C ASP A 193 10.86 9.85 4.56
N CYS A 194 11.15 11.07 4.13
CA CYS A 194 10.34 12.20 4.53
C CYS A 194 8.92 12.15 3.95
N LEU A 195 8.80 11.71 2.70
CA LEU A 195 7.51 11.61 2.04
C LEU A 195 6.61 10.48 2.60
N ILE A 196 7.24 9.42 3.11
CA ILE A 196 6.53 8.32 3.78
C ILE A 196 6.15 8.78 5.19
N GLY A 197 7.00 9.64 5.78
CA GLY A 197 6.67 10.23 7.07
C GLY A 197 7.53 9.70 8.18
N VAL A 198 8.47 8.78 7.92
CA VAL A 198 9.30 8.26 9.03
C VAL A 198 10.53 9.13 9.30
N ALA A 199 10.87 10.06 8.44
CA ALA A 199 12.00 10.97 8.60
C ALA A 199 11.54 12.43 8.52
N ILE A 200 12.31 13.28 9.18
CA ILE A 200 12.10 14.72 9.11
C ILE A 200 13.20 15.31 8.24
N PRO A 201 12.89 16.26 7.37
CA PRO A 201 13.98 16.80 6.54
C PRO A 201 15.06 17.48 7.38
N GLN A 202 16.30 17.22 7.01
CA GLN A 202 17.47 17.70 7.73
C GLN A 202 18.24 18.80 7.01
N VAL A 203 18.65 19.84 7.73
CA VAL A 203 19.54 20.83 7.12
C VAL A 203 20.98 20.52 7.54
N PRO A 204 21.90 20.47 6.60
CA PRO A 204 23.32 20.18 6.90
C PRO A 204 23.79 20.97 8.11
N THR A 205 24.56 20.28 8.95
CA THR A 205 24.97 20.75 10.27
C THR A 205 26.46 21.08 10.33
N MET B 1 -11.10 -11.47 5.18
CA MET B 1 -10.50 -12.76 5.49
C MET B 1 -9.56 -12.51 6.67
N ASP B 2 -9.81 -13.19 7.77
CA ASP B 2 -9.00 -13.01 8.97
C ASP B 2 -7.68 -13.76 8.87
N GLY B 3 -6.90 -13.47 7.83
CA GLY B 3 -5.69 -14.22 7.55
C GLY B 3 -4.47 -13.61 8.22
N VAL B 4 -3.34 -14.33 8.06
CA VAL B 4 -2.10 -13.86 8.69
C VAL B 4 -1.63 -12.57 8.03
N HIS B 5 -2.15 -12.22 6.85
CA HIS B 5 -1.75 -10.95 6.24
C HIS B 5 -2.26 -9.75 6.99
N ASP B 6 -3.26 -9.91 7.85
CA ASP B 6 -3.82 -8.80 8.62
C ASP B 6 -2.95 -8.59 9.84
N LEU B 7 -1.82 -7.91 9.60
CA LEU B 7 -0.76 -7.85 10.59
C LEU B 7 -0.83 -6.68 11.54
N ALA B 8 -1.56 -5.62 11.21
CA ALA B 8 -1.51 -4.44 12.09
C ALA B 8 -1.92 -4.80 13.51
N GLY B 9 -1.07 -4.39 14.46
CA GLY B 9 -1.40 -4.69 15.83
C GLY B 9 -0.79 -5.98 16.33
N VAL B 10 -0.29 -6.84 15.45
CA VAL B 10 0.35 -8.06 15.98
C VAL B 10 1.61 -7.73 16.75
N GLN B 11 1.86 -8.44 17.88
CA GLN B 11 2.97 -8.14 18.76
C GLN B 11 3.99 -9.25 18.68
N GLY B 12 5.26 -8.95 18.90
CA GLY B 12 6.34 -9.96 18.89
C GLY B 12 7.34 -9.72 17.77
N PHE B 13 7.00 -8.85 16.78
CA PHE B 13 8.03 -8.57 15.80
C PHE B 13 9.14 -7.67 16.35
N GLY B 14 10.32 -7.80 15.77
CA GLY B 14 11.50 -7.04 16.10
C GLY B 14 11.60 -5.73 15.32
N LYS B 15 12.84 -5.24 15.22
CA LYS B 15 13.08 -3.94 14.60
C LYS B 15 12.79 -3.93 13.10
N VAL B 16 12.27 -2.77 12.69
CA VAL B 16 12.12 -2.53 11.24
C VAL B 16 13.54 -2.52 10.67
N PRO B 17 13.80 -3.25 9.61
CA PRO B 17 15.16 -3.34 9.04
C PRO B 17 15.53 -2.14 8.19
N HIS B 18 15.60 -1.00 8.87
CA HIS B 18 15.98 0.25 8.21
C HIS B 18 16.37 1.31 9.23
N THR B 19 17.24 2.21 8.86
CA THR B 19 17.31 3.47 9.62
C THR B 19 17.12 4.59 8.61
N VAL B 20 16.56 5.74 9.00
CA VAL B 20 16.14 6.67 7.95
C VAL B 20 17.26 7.19 7.06
N ASN B 21 16.86 7.28 5.79
CA ASN B 21 17.73 7.72 4.71
C ASN B 21 18.90 6.76 4.46
N ALA B 22 18.82 5.54 4.97
CA ALA B 22 19.83 4.56 4.58
C ALA B 22 19.71 4.24 3.11
N ASP B 23 20.82 3.85 2.50
CA ASP B 23 20.80 3.35 1.13
C ASP B 23 19.92 2.12 1.04
N ILE B 24 18.91 2.13 0.18
CA ILE B 24 18.00 0.97 0.07
C ILE B 24 18.34 0.13 -1.17
N GLY B 25 19.36 0.53 -1.90
CA GLY B 25 19.80 -0.18 -3.09
C GLY B 25 18.98 0.20 -4.30
N PRO B 26 19.14 -0.58 -5.39
CA PRO B 26 18.36 -0.38 -6.59
C PRO B 26 16.88 -0.68 -6.36
N THR B 27 16.01 -0.22 -7.24
CA THR B 27 14.59 -0.56 -7.10
C THR B 27 14.38 -2.06 -7.03
N PHE B 28 15.05 -2.75 -7.95
CA PHE B 28 14.98 -4.21 -8.03
C PHE B 28 16.31 -4.84 -7.64
N HIS B 29 16.25 -5.82 -6.73
CA HIS B 29 17.53 -6.32 -6.25
C HIS B 29 17.89 -7.64 -6.93
N ALA B 30 17.02 -8.12 -7.81
CA ALA B 30 17.32 -9.29 -8.61
C ALA B 30 16.71 -9.14 -10.00
N GLU B 31 17.25 -9.84 -11.01
CA GLU B 31 16.79 -9.55 -12.36
C GLU B 31 15.35 -9.97 -12.65
N TRP B 32 14.76 -10.80 -11.80
CA TRP B 32 13.35 -11.18 -12.02
C TRP B 32 12.33 -10.30 -11.29
N GLU B 33 12.76 -9.41 -10.39
CA GLU B 33 11.82 -8.77 -9.46
C GLU B 33 10.85 -7.81 -10.11
N HIS B 34 11.13 -7.33 -11.33
CA HIS B 34 10.14 -6.51 -12.02
C HIS B 34 9.00 -7.31 -12.64
N LEU B 35 9.15 -8.63 -12.69
CA LEU B 35 8.16 -9.47 -13.39
C LEU B 35 6.82 -9.56 -12.66
N PRO B 36 6.68 -9.74 -11.33
CA PRO B 36 5.34 -9.79 -10.78
C PRO B 36 4.51 -8.53 -11.04
N TYR B 37 5.09 -7.33 -10.91
CA TYR B 37 4.21 -6.18 -11.13
C TYR B 37 3.89 -6.03 -12.61
N SER B 38 4.90 -6.29 -13.45
CA SER B 38 4.65 -6.10 -14.88
C SER B 38 3.66 -7.11 -15.43
N LEU B 39 3.77 -8.37 -15.01
CA LEU B 39 2.84 -9.41 -15.46
C LEU B 39 1.48 -9.23 -14.81
N MET B 40 1.40 -8.72 -13.59
CA MET B 40 0.14 -8.25 -13.04
C MET B 40 -0.54 -7.20 -13.90
N PHE B 41 0.20 -6.18 -14.32
CA PHE B 41 -0.33 -5.15 -15.20
C PHE B 41 -0.85 -5.78 -16.49
N ALA B 42 -0.06 -6.70 -17.04
CA ALA B 42 -0.48 -7.41 -18.25
C ALA B 42 -1.81 -8.10 -17.98
N GLY B 43 -1.91 -8.88 -16.91
CA GLY B 43 -3.14 -9.58 -16.58
C GLY B 43 -4.35 -8.70 -16.39
N VAL B 44 -4.18 -7.57 -15.71
CA VAL B 44 -5.29 -6.66 -15.50
C VAL B 44 -5.64 -5.84 -16.74
N ALA B 45 -4.64 -5.20 -17.35
CA ALA B 45 -4.97 -4.18 -18.36
C ALA B 45 -4.86 -4.71 -19.78
N GLU B 46 -4.03 -5.70 -20.07
CA GLU B 46 -3.96 -6.20 -21.45
C GLU B 46 -4.89 -7.39 -21.62
N LEU B 47 -4.88 -8.33 -20.66
CA LEU B 47 -5.77 -9.49 -20.81
C LEU B 47 -7.14 -9.31 -20.19
N GLY B 48 -7.30 -8.45 -19.20
CA GLY B 48 -8.57 -8.30 -18.54
C GLY B 48 -8.96 -9.58 -17.82
N ALA B 49 -7.99 -10.35 -17.37
CA ALA B 49 -8.23 -11.66 -16.75
C ALA B 49 -8.59 -11.56 -15.28
N PHE B 50 -8.13 -10.49 -14.65
CA PHE B 50 -8.47 -10.32 -13.22
C PHE B 50 -8.34 -8.86 -12.83
N SER B 51 -8.84 -8.44 -11.68
CA SER B 51 -8.70 -7.12 -11.11
C SER B 51 -7.50 -7.05 -10.15
N VAL B 52 -7.04 -5.84 -9.83
CA VAL B 52 -6.02 -5.73 -8.79
C VAL B 52 -6.52 -6.34 -7.48
N ASP B 53 -7.81 -6.19 -7.20
CA ASP B 53 -8.35 -6.70 -5.93
C ASP B 53 -8.22 -8.22 -5.86
N GLU B 54 -8.41 -8.93 -6.96
CA GLU B 54 -8.20 -10.37 -7.05
C GLU B 54 -6.73 -10.72 -6.80
N VAL B 55 -5.78 -9.87 -7.20
CA VAL B 55 -4.37 -10.12 -6.88
C VAL B 55 -4.15 -9.98 -5.38
N ARG B 56 -4.72 -8.97 -4.73
CA ARG B 56 -4.54 -8.88 -3.27
C ARG B 56 -5.13 -10.14 -2.62
N TYR B 57 -6.32 -10.55 -3.06
CA TYR B 57 -6.96 -11.69 -2.38
C TYR B 57 -6.20 -12.99 -2.61
N VAL B 58 -5.67 -13.24 -3.80
CA VAL B 58 -4.96 -14.48 -4.05
C VAL B 58 -3.67 -14.54 -3.21
N VAL B 59 -3.02 -13.41 -2.95
CA VAL B 59 -1.86 -13.40 -2.03
C VAL B 59 -2.34 -13.67 -0.59
N GLU B 60 -3.46 -13.13 -0.17
CA GLU B 60 -4.07 -13.41 1.13
C GLU B 60 -4.33 -14.91 1.26
N ARG B 61 -4.55 -15.57 0.13
CA ARG B 61 -4.89 -16.99 0.10
C ARG B 61 -3.70 -17.91 0.14
N MET B 62 -2.47 -17.41 0.16
CA MET B 62 -1.33 -18.28 0.37
C MET B 62 -1.50 -19.05 1.70
N GLU B 63 -1.08 -20.30 1.66
CA GLU B 63 -1.14 -21.00 2.99
C GLU B 63 -0.37 -20.19 4.00
N PRO B 64 -0.86 -20.03 5.23
CA PRO B 64 -0.31 -19.08 6.19
C PRO B 64 1.18 -19.27 6.44
N ARG B 65 1.69 -20.48 6.60
CA ARG B 65 3.16 -20.61 6.81
C ARG B 65 3.91 -20.22 5.54
N HIS B 66 3.33 -20.55 4.39
CA HIS B 66 3.97 -20.16 3.10
C HIS B 66 4.04 -18.63 2.99
N TYR B 67 2.93 -17.94 3.29
CA TYR B 67 2.97 -16.47 3.29
C TYR B 67 4.08 -15.96 4.16
N MET B 68 4.20 -16.49 5.38
CA MET B 68 5.11 -15.92 6.36
C MET B 68 6.57 -16.12 6.01
N MET B 69 6.93 -17.11 5.20
CA MET B 69 8.34 -17.31 4.90
C MET B 69 8.71 -16.83 3.50
N THR B 70 7.75 -16.22 2.81
CA THR B 70 8.04 -15.86 1.42
C THR B 70 8.30 -14.37 1.28
N PRO B 71 9.41 -13.98 0.65
CA PRO B 71 9.67 -12.54 0.41
C PRO B 71 8.58 -11.86 -0.42
N TYR B 72 8.38 -10.56 -0.24
CA TYR B 72 7.35 -9.79 -0.89
C TYR B 72 7.19 -10.09 -2.38
N TYR B 73 8.25 -9.86 -3.19
CA TYR B 73 8.01 -9.97 -4.65
C TYR B 73 7.64 -11.39 -5.05
N GLU B 74 8.18 -12.37 -4.34
CA GLU B 74 7.85 -13.77 -4.62
C GLU B 74 6.38 -14.04 -4.30
N ARG B 75 5.79 -13.39 -3.29
CA ARG B 75 4.37 -13.64 -3.02
C ARG B 75 3.56 -13.31 -4.28
N TYR B 76 3.98 -12.25 -4.98
CA TYR B 76 3.19 -11.86 -6.16
C TYR B 76 3.51 -12.70 -7.37
N VAL B 77 4.70 -13.25 -7.49
CA VAL B 77 4.93 -14.29 -8.49
C VAL B 77 3.96 -15.46 -8.26
N ILE B 78 3.88 -15.95 -6.99
CA ILE B 78 2.95 -17.01 -6.67
C ILE B 78 1.50 -16.61 -6.89
N GLY B 79 1.11 -15.41 -6.49
CA GLY B 79 -0.27 -14.96 -6.65
C GLY B 79 -0.70 -14.85 -8.11
N VAL B 80 0.15 -14.18 -8.90
CA VAL B 80 -0.25 -14.01 -10.33
C VAL B 80 -0.29 -15.35 -11.02
N ALA B 81 0.67 -16.23 -10.72
CA ALA B 81 0.65 -17.58 -11.30
C ALA B 81 -0.62 -18.32 -10.91
N THR B 82 -1.00 -18.24 -9.62
CA THR B 82 -2.22 -18.86 -9.17
C THR B 82 -3.41 -18.36 -9.96
N LEU B 83 -3.53 -17.04 -10.15
CA LEU B 83 -4.71 -16.54 -10.85
C LEU B 83 -4.67 -17.04 -12.30
N MET B 84 -3.48 -17.04 -12.89
CA MET B 84 -3.44 -17.53 -14.29
C MET B 84 -3.90 -18.96 -14.41
N VAL B 85 -3.62 -19.80 -13.40
CA VAL B 85 -4.15 -21.17 -13.46
C VAL B 85 -5.63 -21.19 -13.18
N GLU B 86 -6.13 -20.49 -12.15
CA GLU B 86 -7.54 -20.52 -11.82
C GLU B 86 -8.41 -20.01 -12.95
N LYS B 87 -7.88 -19.07 -13.72
CA LYS B 87 -8.68 -18.45 -14.78
C LYS B 87 -8.58 -19.24 -16.08
N GLY B 88 -7.88 -20.36 -16.07
CA GLY B 88 -7.74 -21.28 -17.18
C GLY B 88 -6.74 -20.82 -18.23
N ILE B 89 -5.86 -19.86 -17.92
CA ILE B 89 -4.93 -19.35 -18.91
C ILE B 89 -3.64 -20.15 -19.02
N LEU B 90 -3.15 -20.60 -17.87
CA LEU B 90 -1.98 -21.43 -17.69
C LEU B 90 -2.35 -22.71 -16.90
N THR B 91 -1.52 -23.74 -17.04
CA THR B 91 -1.71 -24.91 -16.18
C THR B 91 -0.57 -24.98 -15.18
N GLN B 92 -0.79 -25.66 -14.06
CA GLN B 92 0.32 -25.77 -13.11
C GLN B 92 1.44 -26.63 -13.70
N ASP B 93 1.07 -27.62 -14.53
CA ASP B 93 2.05 -28.48 -15.18
C ASP B 93 3.02 -27.69 -16.03
N GLU B 94 2.46 -26.72 -16.79
CA GLU B 94 3.44 -26.04 -17.65
C GLU B 94 4.30 -25.09 -16.83
N LEU B 95 3.75 -24.51 -15.77
CA LEU B 95 4.57 -23.66 -14.89
C LEU B 95 5.67 -24.47 -14.25
N GLU B 96 5.36 -25.68 -13.77
CA GLU B 96 6.39 -26.51 -13.13
C GLU B 96 7.39 -27.10 -14.12
N SER B 97 6.93 -27.45 -15.31
CA SER B 97 7.87 -27.89 -16.34
C SER B 97 8.88 -26.81 -16.75
N LEU B 98 8.38 -25.59 -16.92
CA LEU B 98 9.27 -24.48 -17.29
C LEU B 98 10.15 -24.08 -16.15
N ALA B 99 9.61 -24.19 -14.91
CA ALA B 99 10.48 -23.82 -13.79
C ALA B 99 11.48 -24.90 -13.39
N GLY B 100 11.24 -26.13 -13.83
CA GLY B 100 12.15 -27.21 -13.54
C GLY B 100 12.01 -27.71 -12.09
N GLY B 101 10.80 -27.59 -11.53
CA GLY B 101 10.64 -27.98 -10.14
C GLY B 101 9.31 -27.47 -9.63
N PRO B 102 9.05 -27.70 -8.34
CA PRO B 102 7.77 -27.36 -7.76
C PRO B 102 7.47 -25.86 -7.74
N PHE B 103 6.20 -25.63 -8.03
CA PHE B 103 5.68 -24.26 -8.02
C PHE B 103 4.35 -24.28 -7.28
N PRO B 104 4.35 -24.49 -5.96
CA PRO B 104 3.09 -24.50 -5.23
C PRO B 104 2.41 -23.13 -5.32
N LEU B 105 1.09 -23.16 -5.33
CA LEU B 105 0.29 -21.95 -5.51
C LEU B 105 -0.49 -21.59 -4.29
N SER B 106 -1.23 -20.48 -4.30
CA SER B 106 -2.15 -20.17 -3.20
C SER B 106 -3.25 -21.20 -3.10
N ARG B 107 -3.88 -21.27 -1.91
CA ARG B 107 -4.99 -22.18 -1.71
C ARG B 107 -6.26 -21.70 -2.39
N PRO B 108 -7.13 -22.60 -2.79
CA PRO B 108 -8.40 -22.17 -3.35
C PRO B 108 -9.20 -21.32 -2.39
N SER B 109 -10.01 -20.44 -3.00
CA SER B 109 -10.90 -19.60 -2.25
C SER B 109 -12.00 -20.39 -1.52
N GLU B 110 -12.29 -20.01 -0.28
CA GLU B 110 -13.35 -20.72 0.44
C GLU B 110 -14.60 -19.88 0.57
N SER B 111 -14.66 -18.79 -0.19
CA SER B 111 -15.78 -17.88 -0.18
C SER B 111 -16.08 -17.35 -1.58
N GLU B 112 -17.36 -17.23 -1.91
CA GLU B 112 -17.71 -16.62 -3.20
C GLU B 112 -17.67 -15.11 -3.15
N GLY B 113 -17.37 -14.50 -2.01
CA GLY B 113 -17.34 -13.05 -1.89
C GLY B 113 -18.75 -12.56 -1.52
N ARG B 114 -18.97 -11.25 -1.58
CA ARG B 114 -20.30 -10.70 -1.32
C ARG B 114 -20.50 -9.44 -2.16
N PRO B 115 -21.76 -9.09 -2.41
CA PRO B 115 -21.99 -7.90 -3.22
C PRO B 115 -21.80 -6.63 -2.42
N ALA B 116 -21.67 -5.52 -3.16
CA ALA B 116 -21.71 -4.23 -2.49
C ALA B 116 -23.00 -4.13 -1.69
N PRO B 117 -22.95 -3.68 -0.44
CA PRO B 117 -24.14 -3.67 0.42
C PRO B 117 -25.22 -2.79 -0.19
N VAL B 118 -26.48 -3.21 -0.10
CA VAL B 118 -27.53 -2.40 -0.71
C VAL B 118 -27.91 -1.23 0.20
N GLU B 119 -27.93 -1.49 1.51
CA GLU B 119 -28.24 -0.38 2.41
C GLU B 119 -26.96 0.27 2.91
N THR B 120 -26.60 1.46 2.41
CA THR B 120 -25.51 2.24 2.99
C THR B 120 -25.92 3.69 3.25
N THR B 121 -25.03 4.41 3.93
CA THR B 121 -25.32 5.80 4.26
C THR B 121 -24.28 6.73 3.69
N THR B 122 -24.64 7.93 3.28
CA THR B 122 -23.69 8.95 2.83
C THR B 122 -23.27 9.82 4.02
N PHE B 123 -22.05 9.57 4.51
CA PHE B 123 -21.57 10.31 5.65
C PHE B 123 -20.90 11.62 5.25
N GLU B 124 -20.84 12.52 6.21
CA GLU B 124 -20.20 13.80 6.06
C GLU B 124 -19.01 13.97 6.99
N VAL B 125 -18.09 14.81 6.56
CA VAL B 125 -16.96 15.18 7.40
C VAL B 125 -17.44 15.64 8.78
N GLY B 126 -16.83 15.09 9.81
CA GLY B 126 -17.16 15.32 11.19
C GLY B 126 -18.12 14.33 11.81
N GLN B 127 -18.78 13.50 11.02
CA GLN B 127 -19.76 12.60 11.64
C GLN B 127 -18.97 11.49 12.35
N ARG B 128 -19.62 10.93 13.37
CA ARG B 128 -19.05 9.78 14.06
C ARG B 128 -19.64 8.51 13.45
N VAL B 129 -18.77 7.55 13.16
CA VAL B 129 -19.22 6.32 12.52
C VAL B 129 -18.59 5.15 13.29
N ARG B 130 -19.25 4.00 13.20
CA ARG B 130 -18.73 2.74 13.69
C ARG B 130 -18.49 1.83 12.48
N VAL B 131 -17.38 1.11 12.55
CA VAL B 131 -17.11 0.08 11.56
C VAL B 131 -18.02 -1.10 11.85
N ARG B 132 -18.78 -1.53 10.88
CA ARG B 132 -19.74 -2.63 11.04
C ARG B 132 -19.04 -3.83 11.67
N ASP B 133 -19.70 -4.41 12.67
CA ASP B 133 -19.14 -5.59 13.35
C ASP B 133 -19.54 -6.82 12.56
N GLU B 134 -18.82 -7.01 11.45
CA GLU B 134 -19.09 -8.08 10.50
C GLU B 134 -17.81 -8.88 10.26
N TYR B 135 -18.00 -10.16 9.95
CA TYR B 135 -16.94 -11.06 9.62
C TYR B 135 -17.14 -11.56 8.20
N VAL B 136 -16.12 -11.33 7.39
CA VAL B 136 -16.13 -11.68 5.96
C VAL B 136 -15.05 -12.70 5.65
N PRO B 137 -15.36 -13.90 5.21
CA PRO B 137 -14.29 -14.88 5.00
C PRO B 137 -13.51 -14.63 3.72
N GLY B 138 -14.10 -13.89 2.77
CA GLY B 138 -13.39 -13.62 1.53
C GLY B 138 -12.66 -12.30 1.67
N HIS B 139 -12.32 -11.69 0.54
CA HIS B 139 -11.59 -10.45 0.58
C HIS B 139 -12.37 -9.33 1.21
N ILE B 140 -11.66 -8.50 1.98
CA ILE B 140 -12.20 -7.31 2.57
C ILE B 140 -11.08 -6.32 2.88
N ARG B 141 -11.32 -5.01 2.76
CA ARG B 141 -10.27 -4.03 2.98
C ARG B 141 -10.51 -3.29 4.28
N MET B 142 -10.88 -4.11 5.28
CA MET B 142 -11.07 -3.61 6.64
C MET B 142 -10.09 -4.36 7.54
N PRO B 143 -9.03 -3.79 8.04
CA PRO B 143 -8.13 -4.51 8.94
C PRO B 143 -8.88 -4.77 10.24
N ALA B 144 -8.66 -5.95 10.81
CA ALA B 144 -9.49 -6.27 11.97
C ALA B 144 -9.36 -5.34 13.16
N TYR B 145 -8.26 -4.61 13.29
CA TYR B 145 -8.09 -3.72 14.44
C TYR B 145 -9.19 -2.67 14.49
N CYS B 146 -9.85 -2.40 13.36
CA CYS B 146 -10.89 -1.35 13.44
C CYS B 146 -12.29 -1.93 13.42
N ARG B 147 -12.45 -3.24 13.33
CA ARG B 147 -13.78 -3.84 13.39
C ARG B 147 -14.56 -3.44 14.63
N GLY B 148 -15.76 -2.89 14.41
CA GLY B 148 -16.63 -2.54 15.51
C GLY B 148 -16.23 -1.27 16.25
N ARG B 149 -15.17 -0.58 15.84
CA ARG B 149 -14.64 0.60 16.53
C ARG B 149 -15.26 1.92 16.00
N VAL B 150 -15.18 2.93 16.84
CA VAL B 150 -15.80 4.20 16.45
C VAL B 150 -14.77 5.25 16.13
N GLY B 151 -15.02 5.98 15.03
CA GLY B 151 -14.13 7.07 14.70
C GLY B 151 -14.87 8.25 14.06
N THR B 152 -14.12 9.23 13.58
CA THR B 152 -14.73 10.40 12.97
C THR B 152 -14.29 10.54 11.51
N ILE B 153 -15.24 10.87 10.65
CA ILE B 153 -14.96 11.09 9.23
C ILE B 153 -14.13 12.34 8.99
N SER B 154 -12.94 12.22 8.39
CA SER B 154 -12.16 13.42 8.07
C SER B 154 -12.20 13.70 6.58
N HIS B 155 -12.64 12.80 5.73
CA HIS B 155 -12.68 13.02 4.28
C HIS B 155 -13.66 12.06 3.63
N ARG B 156 -14.42 12.51 2.63
CA ARG B 156 -15.20 11.63 1.79
C ARG B 156 -14.62 11.73 0.38
N THR B 157 -14.22 10.62 -0.23
CA THR B 157 -13.61 10.73 -1.55
C THR B 157 -14.58 11.32 -2.60
N THR B 158 -13.98 12.07 -3.51
CA THR B 158 -14.75 12.64 -4.62
C THR B 158 -14.88 11.66 -5.78
N GLU B 159 -14.27 10.49 -5.67
CA GLU B 159 -14.37 9.44 -6.67
C GLU B 159 -14.97 8.19 -6.01
N LYS B 160 -15.33 7.22 -6.80
CA LYS B 160 -16.00 6.04 -6.26
C LYS B 160 -15.38 4.81 -6.90
N TRP B 161 -15.38 3.68 -6.18
CA TRP B 161 -14.74 2.51 -6.75
C TRP B 161 -15.48 1.21 -6.43
N PRO B 162 -15.23 0.15 -7.16
CA PRO B 162 -15.94 -1.12 -6.88
C PRO B 162 -15.62 -1.63 -5.49
N PHE B 163 -16.61 -2.20 -4.81
CA PHE B 163 -16.47 -2.79 -3.49
C PHE B 163 -15.53 -4.00 -3.55
N PRO B 164 -14.45 -3.91 -2.76
CA PRO B 164 -13.42 -4.96 -2.89
C PRO B 164 -13.91 -6.36 -2.57
N ASP B 165 -14.86 -6.48 -1.63
CA ASP B 165 -15.36 -7.80 -1.26
C ASP B 165 -16.10 -8.50 -2.40
N ALA B 166 -16.45 -7.69 -3.43
CA ALA B 166 -17.04 -8.26 -4.63
C ALA B 166 -16.02 -8.42 -5.76
N ILE B 167 -15.39 -7.30 -6.12
CA ILE B 167 -14.45 -7.36 -7.26
C ILE B 167 -13.23 -8.21 -6.96
N GLY B 168 -12.90 -8.34 -5.66
CA GLY B 168 -11.78 -9.22 -5.34
C GLY B 168 -12.05 -10.69 -5.55
N HIS B 169 -13.30 -11.04 -5.82
CA HIS B 169 -13.69 -12.39 -6.19
C HIS B 169 -14.16 -12.46 -7.65
N GLY B 170 -13.89 -11.39 -8.41
CA GLY B 170 -14.32 -11.45 -9.81
C GLY B 170 -15.82 -11.31 -9.96
N ARG B 171 -16.60 -10.89 -8.97
CA ARG B 171 -18.05 -10.84 -9.07
C ARG B 171 -18.54 -9.66 -9.92
N ASN B 172 -19.81 -9.74 -10.35
CA ASN B 172 -20.38 -8.74 -11.24
C ASN B 172 -21.11 -7.64 -10.50
N ASP B 173 -21.12 -7.79 -9.16
CA ASP B 173 -22.00 -6.91 -8.40
C ASP B 173 -21.27 -6.03 -7.40
N ALA B 174 -20.10 -5.57 -7.77
CA ALA B 174 -19.26 -4.72 -6.94
C ALA B 174 -19.70 -3.27 -6.91
N GLY B 175 -20.58 -2.87 -7.85
CA GLY B 175 -21.04 -1.50 -7.88
C GLY B 175 -19.93 -0.47 -7.86
N GLU B 176 -20.21 0.63 -7.16
CA GLU B 176 -19.20 1.64 -6.88
C GLU B 176 -19.64 2.43 -5.65
N GLU B 177 -18.69 2.79 -4.80
CA GLU B 177 -18.99 3.58 -3.62
C GLU B 177 -17.76 4.41 -3.30
N PRO B 178 -17.95 5.51 -2.61
CA PRO B 178 -16.82 6.31 -2.17
C PRO B 178 -16.20 5.66 -0.92
N THR B 179 -15.05 6.16 -0.56
CA THR B 179 -14.46 5.68 0.70
C THR B 179 -14.33 6.88 1.62
N TYR B 180 -14.05 6.62 2.88
CA TYR B 180 -14.00 7.64 3.88
C TYR B 180 -12.74 7.51 4.73
N HIS B 181 -12.07 8.64 4.90
CA HIS B 181 -10.96 8.63 5.86
C HIS B 181 -11.54 8.67 7.26
N VAL B 182 -11.39 7.58 8.02
CA VAL B 182 -11.99 7.54 9.36
C VAL B 182 -10.86 7.61 10.37
N LYS B 183 -10.94 8.65 11.20
CA LYS B 183 -9.92 8.89 12.19
C LYS B 183 -10.32 8.28 13.54
N PHE B 184 -9.48 7.36 14.00
CA PHE B 184 -9.64 6.69 15.28
C PHE B 184 -8.62 7.17 16.28
N ALA B 185 -9.04 7.39 17.54
CA ALA B 185 -7.98 7.59 18.56
C ALA B 185 -7.21 6.31 18.81
N ALA B 186 -5.93 6.38 19.08
CA ALA B 186 -5.11 5.20 19.33
C ALA B 186 -5.75 4.32 20.41
N GLU B 187 -6.25 4.91 21.50
CA GLU B 187 -6.79 4.13 22.60
C GLU B 187 -8.09 3.45 22.26
N GLU B 188 -8.81 3.93 21.22
CA GLU B 188 -9.99 3.22 20.80
C GLU B 188 -9.62 1.89 20.14
N LEU B 189 -8.46 1.80 19.48
CA LEU B 189 -8.03 0.60 18.77
C LEU B 189 -7.19 -0.34 19.63
N PHE B 190 -6.36 0.21 20.51
CA PHE B 190 -5.42 -0.59 21.29
C PHE B 190 -5.47 -0.33 22.78
N GLY B 191 -6.54 0.29 23.27
CA GLY B 191 -6.63 0.56 24.71
C GLY B 191 -5.42 1.34 25.19
N SER B 192 -4.85 0.94 26.33
CA SER B 192 -3.67 1.61 26.89
C SER B 192 -2.37 1.16 26.24
N ASP B 193 -2.43 0.11 25.42
CA ASP B 193 -1.25 -0.50 24.84
C ASP B 193 -0.91 -0.01 23.44
N THR B 194 -0.54 1.25 23.33
CA THR B 194 -0.18 1.99 22.13
C THR B 194 0.57 3.25 22.55
N ASP B 195 1.43 3.75 21.66
CA ASP B 195 2.15 4.98 22.02
C ASP B 195 1.77 6.08 21.04
N GLY B 196 0.82 5.79 20.17
CA GLY B 196 0.51 6.71 19.06
C GLY B 196 -0.58 7.69 19.46
N GLY B 197 -1.12 8.41 18.47
CA GLY B 197 -2.14 9.41 18.80
C GLY B 197 -3.43 9.07 18.11
N SER B 198 -3.32 8.98 16.76
CA SER B 198 -4.53 8.62 16.02
C SER B 198 -4.13 7.74 14.85
N VAL B 199 -5.13 7.05 14.32
CA VAL B 199 -4.91 6.25 13.13
C VAL B 199 -6.06 6.54 12.18
N VAL B 200 -5.76 6.80 10.91
CA VAL B 200 -6.81 7.02 9.91
C VAL B 200 -6.84 5.85 8.94
N VAL B 201 -8.00 5.22 8.82
CA VAL B 201 -8.21 4.10 7.94
C VAL B 201 -9.14 4.54 6.80
N ASP B 202 -8.80 4.13 5.59
CA ASP B 202 -9.61 4.53 4.41
C ASP B 202 -10.59 3.41 4.11
N LEU B 203 -11.83 3.60 4.59
CA LEU B 203 -12.88 2.61 4.60
C LEU B 203 -14.00 2.87 3.59
N PHE B 204 -14.25 1.88 2.76
CA PHE B 204 -15.43 1.88 1.90
C PHE B 204 -16.72 2.13 2.68
N GLU B 205 -17.65 2.86 2.06
CA GLU B 205 -18.95 3.13 2.67
C GLU B 205 -19.61 1.89 3.25
N GLY B 206 -19.55 0.76 2.55
CA GLY B 206 -20.28 -0.43 2.96
C GLY B 206 -19.72 -1.10 4.21
N TYR B 207 -18.59 -0.62 4.71
CA TYR B 207 -18.06 -1.07 5.99
C TYR B 207 -18.50 -0.24 7.17
N LEU B 208 -19.34 0.77 6.93
CA LEU B 208 -19.62 1.70 8.00
C LEU B 208 -21.13 1.88 8.27
N GLU B 209 -21.40 2.38 9.46
CA GLU B 209 -22.76 2.68 9.94
C GLU B 209 -22.69 3.87 10.86
N PRO B 210 -23.78 4.63 11.01
CA PRO B 210 -23.83 5.66 12.02
C PRO B 210 -23.51 5.14 13.41
N ALA B 211 -22.80 5.96 14.19
CA ALA B 211 -22.45 5.66 15.57
C ALA B 211 -23.55 6.22 16.50
FE FE C . -0.47 -2.46 -0.05
C1 BUA D . -0.40 -2.67 -8.73
C1 BUA D . -1.49 -5.71 -5.44
C2 BUA D . -0.43 -2.73 -7.21
C2 BUA D . -0.65 -4.47 -5.62
C3 BUA D . 0.29 -4.00 -6.76
C3 BUA D . -0.46 -4.19 -7.12
C4 BUA D . -0.02 -4.36 -5.31
C4 BUA D . -1.42 -3.13 -7.65
O1 BUA D . 0.87 -5.06 -4.73
O1 BUA D . -1.83 -2.28 -6.82
O2 BUA D . -0.66 -3.49 -4.65
O2 BUA D . -1.22 -2.74 -8.83
#